data_6OVI
#
_entry.id   6OVI
#
_cell.length_a   69.420
_cell.length_b   79.140
_cell.length_c   70.060
_cell.angle_alpha   90.00
_cell.angle_beta   117.40
_cell.angle_gamma   90.00
#
_symmetry.space_group_name_H-M   'P 1 21 1'
#
loop_
_entity.id
_entity.type
_entity.pdbx_description
1 polymer 'Keto-deoxy-phosphogluconate aldolase'
2 non-polymer '2,2-bis(oxidanyl)propanoic acid'
3 non-polymer 1,2-ETHANEDIOL
4 non-polymer 'SULFATE ION'
5 water water
#
_entity_poly.entity_id   1
_entity_poly.type   'polypeptide(L)'
_entity_poly.pdbx_seq_one_letter_code
;MAHHHHHHMSFSEWKTQPGAVFAASPVIPVIVIKELEDALPLAEALFAGGIHVLEVTLRTPVAIKALELLINTFPDELIG
AGTVITPGQFHDVVAAGARFAISPGQTRELLIAGQKSEIPLIPGVASVSELMEGLGMGYNHFKFFPAAAAGGIPMLKAIS
GVFPQVKFCPTGGINSKNYEEYLCLPNVACVGGSWIVPEEAIKNHNWSLITELCMAVSSQKRELCSQN
;
_entity_poly.pdbx_strand_id   A,B,C
#
# COMPACT_ATOMS: atom_id res chain seq x y z
N TRP A 14 10.50 18.34 -20.22
CA TRP A 14 10.70 16.96 -20.64
C TRP A 14 10.69 16.83 -22.16
N LYS A 15 11.80 16.31 -22.72
CA LYS A 15 11.91 16.18 -24.17
C LYS A 15 10.89 15.18 -24.72
N THR A 16 10.69 14.08 -24.00
CA THR A 16 9.60 13.16 -24.29
C THR A 16 8.61 13.23 -23.14
N GLN A 17 7.33 13.31 -23.47
CA GLN A 17 6.32 13.34 -22.42
C GLN A 17 6.01 11.93 -21.94
N PRO A 18 5.71 11.76 -20.66
CA PRO A 18 5.29 10.45 -20.16
C PRO A 18 4.13 9.85 -20.94
N GLY A 19 3.14 10.67 -21.30
CA GLY A 19 2.02 10.15 -22.05
C GLY A 19 2.42 9.62 -23.40
N ALA A 20 3.51 10.14 -23.98
CA ALA A 20 4.01 9.61 -25.23
C ALA A 20 4.60 8.23 -25.06
N VAL A 21 5.23 7.98 -23.90
CA VAL A 21 5.74 6.64 -23.61
C VAL A 21 4.59 5.64 -23.53
N PHE A 22 3.51 6.03 -22.84
CA PHE A 22 2.33 5.17 -22.71
C PHE A 22 1.59 5.01 -24.03
N ALA A 23 1.60 6.02 -24.88
CA ALA A 23 0.81 5.96 -26.10
C ALA A 23 1.50 5.18 -27.21
N ALA A 24 2.78 4.85 -27.04
CA ALA A 24 3.54 4.22 -28.14
C ALA A 24 2.95 2.87 -28.50
N SER A 25 2.63 2.06 -27.51
CA SER A 25 2.19 0.68 -27.73
C SER A 25 1.21 0.32 -26.63
N PRO A 26 0.22 -0.52 -26.92
CA PRO A 26 -0.65 -1.01 -25.84
C PRO A 26 0.10 -1.84 -24.84
N VAL A 27 1.19 -2.46 -25.25
CA VAL A 27 2.04 -3.28 -24.37
C VAL A 27 3.48 -2.80 -24.50
N ILE A 28 4.08 -2.42 -23.37
CA ILE A 28 5.50 -2.09 -23.33
C ILE A 28 6.25 -3.38 -23.02
N PRO A 29 7.17 -3.81 -23.89
CA PRO A 29 7.90 -5.06 -23.63
C PRO A 29 8.91 -4.86 -22.51
N VAL A 30 8.81 -5.71 -21.48
CA VAL A 30 9.71 -5.66 -20.34
C VAL A 30 10.85 -6.61 -20.67
N ILE A 31 12.00 -6.05 -21.09
CA ILE A 31 13.09 -6.80 -21.70
C ILE A 31 14.14 -7.11 -20.64
N VAL A 32 14.44 -8.40 -20.49
CA VAL A 32 15.58 -8.87 -19.71
C VAL A 32 16.58 -9.41 -20.73
N ILE A 33 17.72 -8.73 -20.86
CA ILE A 33 18.71 -9.06 -21.89
C ILE A 33 19.99 -9.54 -21.23
N LYS A 34 20.34 -10.80 -21.47
CA LYS A 34 21.51 -11.40 -20.85
C LYS A 34 22.75 -11.35 -21.74
N GLU A 35 22.57 -11.42 -23.06
CA GLU A 35 23.67 -11.43 -24.02
C GLU A 35 23.59 -10.19 -24.89
N LEU A 36 24.66 -9.40 -24.90
CA LEU A 36 24.67 -8.13 -25.63
C LEU A 36 24.38 -8.33 -27.12
N GLU A 37 24.87 -9.43 -27.70
CA GLU A 37 24.69 -9.64 -29.13
C GLU A 37 23.23 -9.89 -29.51
N ASP A 38 22.36 -10.14 -28.52
CA ASP A 38 20.94 -10.33 -28.79
C ASP A 38 20.18 -9.02 -28.92
N ALA A 39 20.79 -7.89 -28.59
CA ALA A 39 20.02 -6.64 -28.49
C ALA A 39 19.51 -6.19 -29.86
N LEU A 40 20.39 -6.06 -30.86
CA LEU A 40 19.94 -5.64 -32.19
C LEU A 40 18.95 -6.61 -32.82
N PRO A 41 19.18 -7.93 -32.82
CA PRO A 41 18.18 -8.81 -33.44
C PRO A 41 16.85 -8.83 -32.70
N LEU A 42 16.85 -8.65 -31.37
CA LEU A 42 15.60 -8.55 -30.63
C LEU A 42 14.84 -7.29 -31.01
N ALA A 43 15.55 -6.17 -31.13
CA ALA A 43 14.90 -4.94 -31.57
C ALA A 43 14.23 -5.12 -32.93
N GLU A 44 14.91 -5.82 -33.87
CA GLU A 44 14.29 -6.04 -35.18
C GLU A 44 13.00 -6.83 -35.06
N ALA A 45 12.97 -7.85 -34.19
CA ALA A 45 11.76 -8.64 -34.02
C ALA A 45 10.62 -7.80 -33.45
N LEU A 46 10.95 -6.91 -32.52
CA LEU A 46 9.94 -6.01 -31.96
C LEU A 46 9.43 -5.04 -33.01
N PHE A 47 10.35 -4.38 -33.72
CA PHE A 47 9.95 -3.42 -34.75
C PHE A 47 9.03 -4.09 -35.76
N ALA A 48 9.37 -5.32 -36.18
CA ALA A 48 8.60 -5.99 -37.20
C ALA A 48 7.19 -6.32 -36.72
N GLY A 49 6.97 -6.38 -35.42
CA GLY A 49 5.67 -6.59 -34.84
C GLY A 49 4.94 -5.31 -34.49
N GLY A 50 5.48 -4.16 -34.89
CA GLY A 50 4.81 -2.89 -34.68
C GLY A 50 5.19 -2.15 -33.42
N ILE A 51 6.16 -2.64 -32.65
CA ILE A 51 6.46 -2.09 -31.33
C ILE A 51 7.78 -1.34 -31.40
N HIS A 52 7.74 -0.07 -31.05
CA HIS A 52 8.88 0.83 -31.11
C HIS A 52 9.22 1.46 -29.78
N VAL A 53 8.66 0.95 -28.69
CA VAL A 53 9.00 1.33 -27.34
C VAL A 53 9.65 0.12 -26.70
N LEU A 54 10.83 0.30 -26.14
CA LEU A 54 11.62 -0.78 -25.55
C LEU A 54 11.98 -0.39 -24.13
N GLU A 55 11.64 -1.25 -23.16
CA GLU A 55 12.03 -1.06 -21.77
C GLU A 55 13.14 -2.07 -21.45
N VAL A 56 14.39 -1.61 -21.45
CA VAL A 56 15.53 -2.45 -21.11
C VAL A 56 15.65 -2.45 -19.58
N THR A 57 15.38 -3.59 -18.93
CA THR A 57 15.39 -3.60 -17.48
C THR A 57 16.81 -3.67 -16.95
N LEU A 58 17.06 -2.98 -15.83
CA LEU A 58 18.37 -2.98 -15.19
C LEU A 58 18.46 -4.19 -14.26
N ARG A 59 18.43 -5.37 -14.87
CA ARG A 59 18.39 -6.63 -14.15
C ARG A 59 19.52 -7.58 -14.53
N THR A 60 20.38 -7.20 -15.46
CA THR A 60 21.48 -8.04 -15.90
C THR A 60 22.75 -7.19 -16.00
N PRO A 61 23.92 -7.83 -15.90
CA PRO A 61 25.17 -7.06 -15.99
C PRO A 61 25.30 -6.25 -17.26
N VAL A 62 24.79 -6.74 -18.39
CA VAL A 62 24.98 -6.05 -19.67
C VAL A 62 23.88 -5.03 -19.96
N ALA A 63 22.94 -4.82 -19.04
CA ALA A 63 21.76 -4.04 -19.37
C ALA A 63 22.10 -2.62 -19.80
N ILE A 64 23.01 -1.96 -19.08
CA ILE A 64 23.39 -0.59 -19.42
C ILE A 64 24.02 -0.54 -20.81
N LYS A 65 24.95 -1.45 -21.07
CA LYS A 65 25.59 -1.49 -22.38
C LYS A 65 24.59 -1.79 -23.48
N ALA A 66 23.62 -2.68 -23.21
CA ALA A 66 22.57 -2.94 -24.20
C ALA A 66 21.73 -1.71 -24.44
N LEU A 67 21.36 -1.00 -23.38
CA LEU A 67 20.62 0.26 -23.53
C LEU A 67 21.38 1.22 -24.43
N GLU A 68 22.67 1.44 -24.15
CA GLU A 68 23.47 2.36 -24.96
C GLU A 68 23.57 1.89 -26.40
N LEU A 69 23.75 0.58 -26.59
CA LEU A 69 23.87 0.04 -27.95
C LEU A 69 22.59 0.26 -28.74
N LEU A 70 21.44 -0.01 -28.12
CA LEU A 70 20.16 0.16 -28.82
C LEU A 70 19.91 1.63 -29.17
N ILE A 71 20.18 2.54 -28.23
CA ILE A 71 19.93 3.95 -28.49
C ILE A 71 20.85 4.48 -29.59
N ASN A 72 22.12 4.06 -29.59
CA ASN A 72 23.03 4.55 -30.60
C ASN A 72 22.73 3.97 -31.97
N THR A 73 22.21 2.74 -32.01
CA THR A 73 21.90 2.08 -33.28
C THR A 73 20.61 2.62 -33.87
N PHE A 74 19.61 2.85 -33.02
CA PHE A 74 18.26 3.22 -33.43
C PHE A 74 17.87 4.49 -32.69
N PRO A 75 18.49 5.62 -32.99
CA PRO A 75 18.28 6.82 -32.18
C PRO A 75 16.85 7.33 -32.21
N ASP A 76 16.08 7.01 -33.25
CA ASP A 76 14.73 7.52 -33.42
C ASP A 76 13.66 6.64 -32.76
N GLU A 77 14.05 5.60 -32.03
CA GLU A 77 13.09 4.75 -31.36
C GLU A 77 12.98 5.16 -29.89
N LEU A 78 11.84 4.80 -29.28
CA LEU A 78 11.60 5.17 -27.88
C LEU A 78 12.16 4.08 -26.98
N ILE A 79 13.48 4.17 -26.74
CA ILE A 79 14.22 3.16 -26.00
C ILE A 79 14.54 3.72 -24.62
N GLY A 80 14.10 3.04 -23.57
CA GLY A 80 14.33 3.50 -22.22
C GLY A 80 14.70 2.38 -21.28
N ALA A 81 14.79 2.69 -19.99
CA ALA A 81 15.23 1.76 -18.97
C ALA A 81 14.09 1.43 -18.01
N GLY A 82 14.11 0.19 -17.52
CA GLY A 82 13.24 -0.23 -16.44
C GLY A 82 14.04 -0.71 -15.24
N THR A 83 13.31 -1.02 -14.17
CA THR A 83 13.89 -1.39 -12.87
C THR A 83 14.88 -0.34 -12.38
N VAL A 84 14.56 0.93 -12.63
CA VAL A 84 15.35 2.04 -12.10
C VAL A 84 14.90 2.28 -10.67
N ILE A 85 15.73 1.87 -9.71
CA ILE A 85 15.40 1.90 -8.28
CA ILE A 85 15.36 1.92 -8.30
C ILE A 85 15.88 3.18 -7.62
N THR A 86 17.11 3.58 -7.93
CA THR A 86 17.77 4.66 -7.21
C THR A 86 17.99 5.89 -8.06
N PRO A 87 18.16 7.06 -7.43
CA PRO A 87 18.65 8.23 -8.17
C PRO A 87 19.93 7.98 -8.95
N GLY A 88 20.87 7.23 -8.37
CA GLY A 88 22.10 6.94 -9.09
C GLY A 88 21.85 6.17 -10.37
N GLN A 89 20.93 5.21 -10.32
CA GLN A 89 20.60 4.46 -11.53
C GLN A 89 19.90 5.35 -12.54
N PHE A 90 19.02 6.23 -12.08
CA PHE A 90 18.39 7.18 -12.99
C PHE A 90 19.44 8.04 -13.69
N HIS A 91 20.42 8.54 -12.95
CA HIS A 91 21.47 9.33 -13.61
C HIS A 91 22.28 8.47 -14.58
N ASP A 92 22.51 7.20 -14.25
CA ASP A 92 23.26 6.33 -15.17
C ASP A 92 22.51 6.14 -16.48
N VAL A 93 21.19 5.89 -16.41
CA VAL A 93 20.46 5.60 -17.64
C VAL A 93 20.27 6.87 -18.47
N VAL A 94 20.12 8.02 -17.81
CA VAL A 94 20.08 9.28 -18.54
C VAL A 94 21.38 9.51 -19.30
N ALA A 95 22.53 9.32 -18.62
CA ALA A 95 23.82 9.45 -19.29
C ALA A 95 24.00 8.39 -20.37
N ALA A 96 23.33 7.23 -20.22
CA ALA A 96 23.38 6.19 -21.23
C ALA A 96 22.56 6.54 -22.46
N GLY A 97 21.77 7.60 -22.40
CA GLY A 97 20.95 8.03 -23.51
C GLY A 97 19.50 7.60 -23.45
N ALA A 98 19.05 7.06 -22.32
CA ALA A 98 17.68 6.54 -22.25
C ALA A 98 16.67 7.64 -22.55
N ARG A 99 15.61 7.26 -23.27
CA ARG A 99 14.53 8.19 -23.61
CA ARG A 99 14.55 8.20 -23.60
C ARG A 99 13.50 8.31 -22.50
N PHE A 100 13.50 7.40 -21.53
CA PHE A 100 12.60 7.40 -20.39
C PHE A 100 13.15 6.43 -19.37
N ALA A 101 12.68 6.57 -18.12
CA ALA A 101 13.03 5.64 -17.05
C ALA A 101 11.75 5.20 -16.34
N ILE A 102 11.66 3.90 -16.08
CA ILE A 102 10.51 3.31 -15.39
C ILE A 102 11.02 2.66 -14.10
N SER A 103 10.29 2.89 -13.00
CA SER A 103 10.62 2.31 -11.71
C SER A 103 9.51 1.38 -11.21
N PRO A 104 9.85 0.32 -10.49
CA PRO A 104 8.80 -0.52 -9.88
C PRO A 104 8.09 0.15 -8.72
N GLY A 105 8.67 1.21 -8.17
CA GLY A 105 8.05 1.95 -7.08
C GLY A 105 8.50 3.40 -7.10
N GLN A 106 8.45 4.04 -5.94
CA GLN A 106 8.91 5.43 -5.90
C GLN A 106 9.43 5.74 -4.51
N THR A 107 10.37 6.68 -4.48
CA THR A 107 10.81 7.33 -3.26
C THR A 107 10.83 8.83 -3.51
N ARG A 108 10.81 9.59 -2.42
CA ARG A 108 10.97 11.04 -2.55
C ARG A 108 12.23 11.39 -3.33
N GLU A 109 13.35 10.70 -3.05
CA GLU A 109 14.60 11.02 -3.73
C GLU A 109 14.51 10.78 -5.22
N LEU A 110 13.87 9.68 -5.63
CA LEU A 110 13.75 9.38 -7.04
C LEU A 110 12.82 10.37 -7.73
N LEU A 111 11.71 10.73 -7.07
CA LEU A 111 10.80 11.75 -7.61
C LEU A 111 11.51 13.09 -7.80
N ILE A 112 12.35 13.48 -6.84
CA ILE A 112 13.11 14.71 -6.98
C ILE A 112 14.05 14.64 -8.17
N ALA A 113 14.75 13.50 -8.33
CA ALA A 113 15.71 13.36 -9.42
C ALA A 113 15.02 13.46 -10.77
N GLY A 114 13.84 12.83 -10.90
CA GLY A 114 13.09 12.94 -12.13
C GLY A 114 12.63 14.35 -12.44
N GLN A 115 12.43 15.17 -11.40
CA GLN A 115 12.04 16.56 -11.61
C GLN A 115 13.13 17.35 -12.33
N LYS A 116 14.39 17.01 -12.11
CA LYS A 116 15.52 17.79 -12.59
C LYS A 116 16.01 17.33 -13.96
N SER A 117 15.30 16.42 -14.60
CA SER A 117 15.77 15.80 -15.84
C SER A 117 14.88 16.18 -17.01
N GLU A 118 15.47 16.16 -18.22
CA GLU A 118 14.72 16.25 -19.45
C GLU A 118 14.12 14.92 -19.87
N ILE A 119 14.52 13.83 -19.22
CA ILE A 119 14.06 12.48 -19.53
C ILE A 119 12.91 12.15 -18.61
N PRO A 120 11.77 11.67 -19.11
CA PRO A 120 10.63 11.38 -18.22
C PRO A 120 10.88 10.18 -17.32
N LEU A 121 10.47 10.31 -16.06
CA LEU A 121 10.45 9.21 -15.10
C LEU A 121 9.02 8.76 -14.91
N ILE A 122 8.80 7.45 -14.98
CA ILE A 122 7.50 6.87 -14.68
CA ILE A 122 7.49 6.85 -14.69
C ILE A 122 7.63 6.10 -13.37
N PRO A 123 7.24 6.68 -12.24
CA PRO A 123 7.34 5.98 -10.97
C PRO A 123 6.28 4.91 -10.85
N GLY A 124 6.53 3.95 -9.96
CA GLY A 124 5.58 2.91 -9.66
C GLY A 124 4.87 3.21 -8.35
N VAL A 125 3.55 2.99 -8.34
CA VAL A 125 2.75 3.15 -7.12
C VAL A 125 1.78 1.98 -7.00
N ALA A 126 1.27 1.80 -5.77
CA ALA A 126 0.33 0.72 -5.51
C ALA A 126 -0.68 1.12 -4.43
N SER A 127 -0.76 2.39 -4.06
CA SER A 127 -1.78 2.84 -3.12
C SER A 127 -2.10 4.28 -3.48
N VAL A 128 -3.26 4.73 -2.98
CA VAL A 128 -3.69 6.10 -3.26
C VAL A 128 -2.75 7.11 -2.63
N SER A 129 -2.23 6.79 -1.44
CA SER A 129 -1.28 7.72 -0.82
C SER A 129 0.00 7.84 -1.64
N GLU A 130 0.48 6.72 -2.19
CA GLU A 130 1.66 6.79 -3.04
C GLU A 130 1.37 7.60 -4.29
N LEU A 131 0.21 7.38 -4.90
CA LEU A 131 -0.21 8.21 -6.03
CA LEU A 131 -0.20 8.21 -6.03
C LEU A 131 -0.19 9.69 -5.65
N MET A 132 -0.76 10.01 -4.49
CA MET A 132 -0.88 11.41 -4.10
C MET A 132 0.49 12.03 -3.84
N GLU A 133 1.43 11.26 -3.31
CA GLU A 133 2.78 11.80 -3.15
C GLU A 133 3.39 12.13 -4.51
N GLY A 134 3.20 11.24 -5.50
CA GLY A 134 3.69 11.54 -6.83
C GLY A 134 2.99 12.72 -7.45
N LEU A 135 1.66 12.79 -7.32
CA LEU A 135 0.91 13.92 -7.84
CA LEU A 135 0.92 13.93 -7.84
C LEU A 135 1.44 15.25 -7.30
N GLY A 136 1.68 15.31 -6.00
CA GLY A 136 2.17 16.52 -5.36
C GLY A 136 3.51 16.97 -5.87
N MET A 137 4.27 16.05 -6.46
CA MET A 137 5.55 16.42 -7.05
CA MET A 137 5.56 16.34 -7.05
C MET A 137 5.49 16.50 -8.57
N GLY A 138 4.28 16.55 -9.14
CA GLY A 138 4.09 16.84 -10.54
C GLY A 138 3.92 15.65 -11.46
N TYR A 139 3.71 14.45 -10.92
CA TYR A 139 3.60 13.23 -11.70
C TYR A 139 2.15 12.78 -11.83
N ASN A 140 1.74 12.41 -13.05
CA ASN A 140 0.42 11.81 -13.18
C ASN A 140 0.39 10.67 -14.19
N HIS A 141 1.55 10.07 -14.47
CA HIS A 141 1.66 8.84 -15.23
C HIS A 141 2.50 7.89 -14.40
N PHE A 142 1.92 6.74 -14.04
CA PHE A 142 2.53 5.83 -13.09
C PHE A 142 2.47 4.40 -13.59
N LYS A 143 3.45 3.62 -13.17
CA LYS A 143 3.33 2.18 -13.24
C LYS A 143 2.56 1.71 -12.03
N PHE A 144 1.67 0.75 -12.21
CA PHE A 144 0.96 0.12 -11.10
C PHE A 144 1.57 -1.27 -10.95
N PHE A 145 2.31 -1.50 -9.88
CA PHE A 145 3.13 -2.71 -9.76
C PHE A 145 3.17 -3.22 -8.33
N PRO A 146 3.06 -4.56 -8.12
CA PRO A 146 2.75 -5.61 -9.10
C PRO A 146 1.24 -5.72 -9.23
N ALA A 147 0.73 -5.42 -10.42
CA ALA A 147 -0.69 -5.13 -10.60
C ALA A 147 -1.56 -6.28 -10.11
N ALA A 148 -1.27 -7.51 -10.54
CA ALA A 148 -2.16 -8.63 -10.23
C ALA A 148 -2.16 -8.98 -8.75
N ALA A 149 -1.06 -8.70 -8.04
CA ALA A 149 -0.97 -9.03 -6.62
C ALA A 149 -1.31 -7.86 -5.71
N ALA A 150 -1.39 -6.64 -6.24
CA ALA A 150 -1.59 -5.43 -5.45
C ALA A 150 -3.01 -4.88 -5.55
N GLY A 151 -3.96 -5.67 -6.04
CA GLY A 151 -5.33 -5.21 -6.10
C GLY A 151 -5.96 -5.29 -7.47
N GLY A 152 -5.14 -5.37 -8.52
CA GLY A 152 -5.61 -5.72 -9.85
C GLY A 152 -6.61 -4.73 -10.43
N ILE A 153 -7.53 -5.27 -11.24
CA ILE A 153 -8.53 -4.43 -11.88
C ILE A 153 -9.43 -3.73 -10.86
N PRO A 154 -9.93 -4.38 -9.80
CA PRO A 154 -10.73 -3.64 -8.80
C PRO A 154 -10.02 -2.43 -8.22
N MET A 155 -8.71 -2.54 -7.96
CA MET A 155 -7.97 -1.39 -7.44
C MET A 155 -7.96 -0.25 -8.45
N LEU A 156 -7.62 -0.55 -9.70
CA LEU A 156 -7.57 0.48 -10.74
C LEU A 156 -8.93 1.14 -10.95
N LYS A 157 -10.01 0.35 -10.92
CA LYS A 157 -11.35 0.90 -11.13
C LYS A 157 -11.72 1.87 -10.02
N ALA A 158 -11.40 1.51 -8.78
CA ALA A 158 -11.72 2.38 -7.65
C ALA A 158 -10.92 3.69 -7.72
N ILE A 159 -9.67 3.61 -8.17
CA ILE A 159 -8.84 4.81 -8.29
C ILE A 159 -9.33 5.69 -9.43
N SER A 160 -9.85 5.08 -10.50
CA SER A 160 -10.30 5.86 -11.65
CA SER A 160 -10.31 5.84 -11.65
C SER A 160 -11.40 6.83 -11.27
N GLY A 161 -12.24 6.48 -10.30
CA GLY A 161 -13.31 7.37 -9.90
C GLY A 161 -12.83 8.60 -9.16
N VAL A 162 -11.71 8.50 -8.46
CA VAL A 162 -11.20 9.58 -7.63
CA VAL A 162 -11.23 9.63 -7.66
C VAL A 162 -10.13 10.40 -8.35
N PHE A 163 -9.38 9.77 -9.26
CA PHE A 163 -8.30 10.44 -10.00
C PHE A 163 -8.45 10.17 -11.49
N PRO A 164 -9.49 10.72 -12.13
CA PRO A 164 -9.70 10.43 -13.56
C PRO A 164 -8.59 10.96 -14.46
N GLN A 165 -7.78 11.92 -13.98
CA GLN A 165 -6.68 12.49 -14.75
C GLN A 165 -5.41 11.66 -14.70
N VAL A 166 -5.32 10.67 -13.80
CA VAL A 166 -4.08 9.93 -13.61
C VAL A 166 -4.09 8.71 -14.51
N LYS A 167 -3.00 8.48 -15.24
CA LYS A 167 -2.90 7.37 -16.17
C LYS A 167 -1.92 6.32 -15.66
N PHE A 168 -2.24 5.05 -15.89
CA PHE A 168 -1.46 3.94 -15.36
C PHE A 168 -0.97 3.03 -16.46
N CYS A 169 0.18 2.40 -16.18
CA CYS A 169 0.72 1.25 -16.91
C CYS A 169 0.82 0.09 -15.92
N PRO A 170 -0.22 -0.74 -15.81
CA PRO A 170 -0.15 -1.91 -14.93
C PRO A 170 0.87 -2.91 -15.45
N THR A 171 1.69 -3.42 -14.54
CA THR A 171 2.73 -4.39 -14.84
CA THR A 171 2.66 -4.45 -14.87
C THR A 171 2.81 -5.37 -13.67
N GLY A 172 3.20 -6.61 -13.95
CA GLY A 172 3.33 -7.60 -12.91
C GLY A 172 2.12 -8.50 -12.92
N GLY A 173 2.25 -9.69 -13.49
CA GLY A 173 1.13 -10.59 -13.61
C GLY A 173 0.20 -10.29 -14.76
N ILE A 174 0.60 -9.42 -15.69
CA ILE A 174 -0.17 -9.17 -16.89
C ILE A 174 0.29 -10.16 -17.95
N ASN A 175 -0.66 -10.72 -18.70
CA ASN A 175 -0.34 -11.74 -19.69
C ASN A 175 -1.34 -11.65 -20.84
N SER A 176 -1.20 -12.58 -21.80
CA SER A 176 -2.08 -12.55 -22.97
C SER A 176 -3.53 -12.82 -22.60
N LYS A 177 -3.77 -13.50 -21.48
CA LYS A 177 -5.14 -13.85 -21.10
C LYS A 177 -5.87 -12.72 -20.37
N ASN A 178 -5.16 -11.75 -19.79
CA ASN A 178 -5.85 -10.69 -19.03
C ASN A 178 -5.51 -9.28 -19.47
N TYR A 179 -4.61 -9.07 -20.42
CA TYR A 179 -4.17 -7.71 -20.69
C TYR A 179 -5.28 -6.85 -21.29
N GLU A 180 -6.16 -7.43 -22.10
CA GLU A 180 -7.20 -6.61 -22.71
C GLU A 180 -8.20 -6.13 -21.66
N GLU A 181 -8.41 -6.93 -20.61
CA GLU A 181 -9.29 -6.51 -19.52
C GLU A 181 -8.73 -5.30 -18.79
N TYR A 182 -7.41 -5.27 -18.58
CA TYR A 182 -6.75 -4.10 -18.03
C TYR A 182 -6.84 -2.91 -18.97
N LEU A 183 -6.59 -3.13 -20.27
CA LEU A 183 -6.58 -2.05 -21.24
C LEU A 183 -7.93 -1.38 -21.36
N CYS A 184 -9.02 -2.12 -21.11
CA CYS A 184 -10.36 -1.53 -21.21
C CYS A 184 -10.63 -0.48 -20.15
N LEU A 185 -9.84 -0.42 -19.08
CA LEU A 185 -10.10 0.52 -18.01
C LEU A 185 -9.82 1.95 -18.49
N PRO A 186 -10.64 2.92 -18.08
CA PRO A 186 -10.47 4.29 -18.59
C PRO A 186 -9.17 4.95 -18.13
N ASN A 187 -8.57 4.49 -17.05
CA ASN A 187 -7.33 5.08 -16.55
C ASN A 187 -6.11 4.25 -16.88
N VAL A 188 -6.24 3.24 -17.73
CA VAL A 188 -5.10 2.42 -18.14
C VAL A 188 -4.76 2.79 -19.57
N ALA A 189 -3.56 3.36 -19.77
CA ALA A 189 -3.11 3.81 -21.07
C ALA A 189 -2.41 2.72 -21.86
N CYS A 190 -1.79 1.78 -21.16
CA CYS A 190 -1.05 0.65 -21.73
C CYS A 190 -0.75 -0.27 -20.56
N VAL A 191 -0.20 -1.43 -20.87
CA VAL A 191 0.28 -2.36 -19.86
C VAL A 191 1.74 -2.69 -20.18
N GLY A 192 2.41 -3.33 -19.22
CA GLY A 192 3.76 -3.79 -19.40
C GLY A 192 3.84 -5.28 -19.11
N GLY A 193 4.70 -5.97 -19.84
CA GLY A 193 4.86 -7.39 -19.56
C GLY A 193 6.01 -7.99 -20.34
N SER A 194 6.54 -9.06 -19.77
CA SER A 194 7.57 -9.83 -20.46
C SER A 194 6.99 -10.86 -21.42
N TRP A 195 5.67 -11.07 -21.45
CA TRP A 195 5.18 -12.21 -22.22
C TRP A 195 5.32 -12.01 -23.72
N ILE A 196 5.49 -10.77 -24.19
CA ILE A 196 5.73 -10.57 -25.61
C ILE A 196 7.21 -10.66 -25.94
N VAL A 197 8.09 -10.73 -24.93
CA VAL A 197 9.55 -10.85 -25.09
C VAL A 197 10.09 -11.89 -24.12
N PRO A 198 9.61 -13.14 -24.17
CA PRO A 198 10.03 -14.12 -23.17
C PRO A 198 11.53 -14.40 -23.26
N GLU A 199 12.15 -14.57 -22.08
CA GLU A 199 13.59 -14.77 -22.06
C GLU A 199 14.01 -16.00 -22.85
N GLU A 200 13.20 -17.07 -22.81
CA GLU A 200 13.54 -18.27 -23.57
C GLU A 200 13.58 -17.97 -25.06
N ALA A 201 12.65 -17.17 -25.55
CA ALA A 201 12.64 -16.86 -26.97
C ALA A 201 13.83 -15.98 -27.35
N ILE A 202 14.21 -15.05 -26.48
CA ILE A 202 15.39 -14.23 -26.75
C ILE A 202 16.63 -15.10 -26.82
N LYS A 203 16.82 -15.94 -25.80
CA LYS A 203 17.99 -16.82 -25.75
C LYS A 203 18.10 -17.66 -27.01
N ASN A 204 16.98 -18.19 -27.49
CA ASN A 204 16.96 -19.11 -28.62
C ASN A 204 16.78 -18.40 -29.96
N HIS A 205 16.78 -17.06 -29.98
CA HIS A 205 16.65 -16.30 -31.22
C HIS A 205 15.35 -16.62 -31.94
N ASN A 206 14.28 -16.87 -31.18
CA ASN A 206 12.97 -17.18 -31.74
C ASN A 206 12.28 -15.85 -32.07
N TRP A 207 12.82 -15.19 -33.09
CA TRP A 207 12.29 -13.88 -33.47
C TRP A 207 10.88 -14.01 -34.05
N SER A 208 10.59 -15.12 -34.73
CA SER A 208 9.27 -15.26 -35.36
C SER A 208 8.17 -15.32 -34.30
N LEU A 209 8.45 -15.98 -33.17
CA LEU A 209 7.48 -15.99 -32.08
C LEU A 209 7.32 -14.61 -31.46
N ILE A 210 8.44 -13.93 -31.18
CA ILE A 210 8.36 -12.59 -30.60
C ILE A 210 7.58 -11.66 -31.52
N THR A 211 7.88 -11.68 -32.83
CA THR A 211 7.13 -10.83 -33.76
C THR A 211 5.65 -11.19 -33.77
N GLU A 212 5.32 -12.50 -33.73
CA GLU A 212 3.93 -12.89 -33.72
C GLU A 212 3.22 -12.36 -32.49
N LEU A 213 3.86 -12.46 -31.33
CA LEU A 213 3.27 -11.98 -30.09
C LEU A 213 3.05 -10.48 -30.16
N CYS A 214 4.01 -9.75 -30.72
CA CYS A 214 3.91 -8.30 -30.82
C CYS A 214 2.82 -7.89 -31.82
N MET A 215 2.74 -8.58 -32.96
CA MET A 215 1.70 -8.30 -33.93
C MET A 215 0.33 -8.43 -33.29
N ALA A 216 0.15 -9.42 -32.43
CA ALA A 216 -1.14 -9.60 -31.77
C ALA A 216 -1.49 -8.39 -30.91
N VAL A 217 -0.51 -7.83 -30.18
CA VAL A 217 -0.87 -6.70 -29.32
C VAL A 217 -0.96 -5.40 -30.13
N SER A 218 -0.20 -5.27 -31.21
CA SER A 218 -0.29 -4.08 -32.06
C SER A 218 -1.65 -3.93 -32.73
N SER A 219 -2.33 -5.04 -33.04
CA SER A 219 -3.64 -4.86 -33.62
C SER A 219 -4.65 -4.36 -32.60
N GLN A 220 -4.28 -4.29 -31.33
CA GLN A 220 -5.11 -3.70 -30.29
C GLN A 220 -4.87 -2.20 -30.12
N LYS A 221 -3.92 -1.62 -30.84
CA LYS A 221 -3.66 -0.19 -30.73
C LYS A 221 -4.68 0.57 -31.56
N ARG A 222 -5.42 1.47 -30.93
CA ARG A 222 -6.55 2.13 -31.56
C ARG A 222 -6.45 3.65 -31.53
N GLU A 223 -5.30 4.20 -31.13
CA GLU A 223 -5.10 5.64 -31.10
C GLU A 223 -3.62 6.00 -31.12
N TRP B 14 25.04 -1.71 15.63
CA TRP B 14 24.41 -3.02 15.51
C TRP B 14 25.43 -4.15 15.60
N LYS B 15 25.64 -4.69 16.80
CA LYS B 15 26.41 -5.93 16.91
C LYS B 15 25.59 -7.12 16.44
N THR B 16 24.33 -7.20 16.88
CA THR B 16 23.41 -8.20 16.37
C THR B 16 22.88 -7.73 15.01
N GLN B 17 23.11 -8.50 14.02
CA GLN B 17 22.69 -8.12 12.69
C GLN B 17 21.25 -8.54 12.45
N PRO B 18 20.52 -7.78 11.64
CA PRO B 18 19.13 -8.16 11.31
C PRO B 18 19.02 -9.59 10.82
N GLY B 19 19.95 -10.01 9.97
CA GLY B 19 19.95 -11.38 9.49
C GLY B 19 20.00 -12.41 10.59
N ALA B 20 20.57 -12.05 11.74
CA ALA B 20 20.56 -12.98 12.88
C ALA B 20 19.17 -13.14 13.49
N VAL B 21 18.33 -12.10 13.43
CA VAL B 21 16.97 -12.24 13.93
C VAL B 21 16.19 -13.21 13.06
N PHE B 22 16.58 -13.34 11.79
CA PHE B 22 15.87 -14.24 10.89
C PHE B 22 16.45 -15.65 10.92
N ALA B 23 17.74 -15.79 11.18
CA ALA B 23 18.38 -17.09 11.12
C ALA B 23 18.13 -17.93 12.37
N ALA B 24 17.56 -17.33 13.43
CA ALA B 24 17.48 -18.00 14.73
C ALA B 24 16.47 -19.14 14.72
N SER B 25 15.38 -18.97 13.97
CA SER B 25 14.29 -19.94 13.97
C SER B 25 13.55 -19.81 12.66
N PRO B 26 13.00 -20.90 12.12
CA PRO B 26 12.11 -20.77 10.96
C PRO B 26 10.84 -19.99 11.29
N VAL B 27 10.44 -19.96 12.56
CA VAL B 27 9.21 -19.28 12.98
C VAL B 27 9.54 -18.39 14.17
N ILE B 28 9.23 -17.11 14.05
CA ILE B 28 9.32 -16.17 15.16
C ILE B 28 7.96 -16.12 15.85
N PRO B 29 7.85 -16.51 17.11
CA PRO B 29 6.56 -16.41 17.82
C PRO B 29 6.19 -14.96 18.11
N VAL B 30 4.96 -14.59 17.76
CA VAL B 30 4.41 -13.27 18.03
C VAL B 30 3.68 -13.38 19.37
N ILE B 31 4.33 -12.87 20.41
CA ILE B 31 3.91 -13.11 21.79
CA ILE B 31 3.93 -13.10 21.80
C ILE B 31 3.11 -11.92 22.30
N VAL B 32 1.89 -12.20 22.76
CA VAL B 32 1.07 -11.23 23.49
C VAL B 32 1.00 -11.73 24.93
N ILE B 33 1.52 -10.94 25.88
CA ILE B 33 1.53 -11.31 27.29
C ILE B 33 0.59 -10.36 28.02
N LYS B 34 -0.57 -10.87 28.44
CA LYS B 34 -1.50 -10.03 29.18
C LYS B 34 -1.23 -10.04 30.67
N GLU B 35 -0.70 -11.13 31.20
CA GLU B 35 -0.42 -11.27 32.63
C GLU B 35 1.06 -11.53 32.80
N LEU B 36 1.71 -10.71 33.64
CA LEU B 36 3.15 -10.80 33.79
C LEU B 36 3.60 -12.18 34.29
N GLU B 37 2.78 -12.83 35.11
CA GLU B 37 3.10 -14.15 35.63
C GLU B 37 3.24 -15.20 34.54
N ASP B 38 2.74 -14.92 33.33
CA ASP B 38 2.84 -15.89 32.24
C ASP B 38 4.14 -15.78 31.46
N ALA B 39 4.91 -14.71 31.65
CA ALA B 39 6.04 -14.46 30.76
C ALA B 39 7.09 -15.56 30.86
N LEU B 40 7.53 -15.88 32.09
CA LEU B 40 8.64 -16.83 32.21
C LEU B 40 8.23 -18.26 31.89
N PRO B 41 7.10 -18.79 32.36
CA PRO B 41 6.76 -20.16 31.94
C PRO B 41 6.50 -20.25 30.44
N LEU B 42 5.97 -19.21 29.81
CA LEU B 42 5.82 -19.23 28.36
C LEU B 42 7.19 -19.30 27.69
N ALA B 43 8.13 -18.49 28.16
CA ALA B 43 9.48 -18.52 27.57
C ALA B 43 10.13 -19.90 27.72
N GLU B 44 10.08 -20.49 28.92
CA GLU B 44 10.65 -21.82 29.09
C GLU B 44 10.01 -22.83 28.16
N ALA B 45 8.69 -22.69 27.91
CA ALA B 45 8.02 -23.62 27.01
C ALA B 45 8.54 -23.48 25.59
N LEU B 46 8.78 -22.25 25.15
CA LEU B 46 9.35 -22.00 23.84
C LEU B 46 10.76 -22.57 23.73
N PHE B 47 11.62 -22.29 24.72
CA PHE B 47 12.96 -22.86 24.70
C PHE B 47 12.94 -24.38 24.60
N ALA B 48 12.08 -25.02 25.40
CA ALA B 48 12.01 -26.47 25.37
C ALA B 48 11.53 -26.97 24.02
N GLY B 49 10.75 -26.17 23.31
CA GLY B 49 10.29 -26.51 21.98
C GLY B 49 11.23 -26.10 20.86
N GLY B 50 12.46 -25.66 21.20
CA GLY B 50 13.47 -25.38 20.19
C GLY B 50 13.44 -23.98 19.63
N ILE B 51 12.74 -23.05 20.26
CA ILE B 51 12.57 -21.68 19.77
CA ILE B 51 12.61 -21.69 19.75
C ILE B 51 13.35 -20.76 20.69
N HIS B 52 14.36 -20.07 20.14
CA HIS B 52 15.22 -19.22 20.94
C HIS B 52 15.18 -17.78 20.49
N VAL B 53 14.16 -17.40 19.73
CA VAL B 53 13.87 -16.02 19.39
C VAL B 53 12.45 -15.75 19.85
N LEU B 54 12.26 -14.63 20.54
CA LEU B 54 10.95 -14.27 21.08
C LEU B 54 10.68 -12.83 20.70
N GLU B 55 9.50 -12.57 20.15
CA GLU B 55 9.06 -11.21 19.85
C GLU B 55 7.97 -10.86 20.86
N VAL B 56 8.32 -10.06 21.87
CA VAL B 56 7.37 -9.58 22.87
C VAL B 56 6.69 -8.35 22.29
N THR B 57 5.42 -8.48 21.92
CA THR B 57 4.74 -7.35 21.28
C THR B 57 4.32 -6.30 22.29
N LEU B 58 4.44 -5.04 21.91
CA LEU B 58 4.02 -3.92 22.74
C LEU B 58 2.52 -3.69 22.54
N ARG B 59 1.73 -4.67 22.97
CA ARG B 59 0.29 -4.64 22.77
C ARG B 59 -0.51 -4.70 24.05
N THR B 60 0.14 -4.77 25.21
CA THR B 60 -0.52 -4.86 26.49
C THR B 60 0.20 -3.95 27.47
N PRO B 61 -0.48 -3.52 28.54
CA PRO B 61 0.16 -2.63 29.51
C PRO B 61 1.41 -3.20 30.13
N VAL B 62 1.47 -4.51 30.35
CA VAL B 62 2.60 -5.12 31.04
C VAL B 62 3.73 -5.52 30.10
N ALA B 63 3.64 -5.20 28.80
CA ALA B 63 4.59 -5.75 27.83
C ALA B 63 6.02 -5.34 28.15
N ILE B 64 6.25 -4.06 28.48
CA ILE B 64 7.60 -3.61 28.78
C ILE B 64 8.15 -4.34 30.01
N LYS B 65 7.33 -4.47 31.06
CA LYS B 65 7.78 -5.20 32.24
C LYS B 65 8.04 -6.66 31.92
N ALA B 66 7.23 -7.25 31.03
CA ALA B 66 7.46 -8.63 30.61
C ALA B 66 8.77 -8.75 29.86
N LEU B 67 9.04 -7.81 28.96
CA LEU B 67 10.31 -7.81 28.24
C LEU B 67 11.49 -7.71 29.20
N GLU B 68 11.40 -6.79 30.17
CA GLU B 68 12.48 -6.63 31.15
C GLU B 68 12.69 -7.89 31.95
N LEU B 69 11.60 -8.54 32.35
CA LEU B 69 11.70 -9.73 33.17
C LEU B 69 12.34 -10.87 32.39
N LEU B 70 11.95 -11.01 31.13
CA LEU B 70 12.50 -12.06 30.27
C LEU B 70 13.99 -11.86 30.03
N ILE B 71 14.41 -10.63 29.75
CA ILE B 71 15.81 -10.36 29.47
C ILE B 71 16.66 -10.51 30.73
N ASN B 72 16.12 -10.09 31.87
CA ASN B 72 16.84 -10.24 33.12
C ASN B 72 17.03 -11.70 33.48
N THR B 73 16.04 -12.53 33.18
CA THR B 73 16.07 -13.93 33.56
C THR B 73 16.83 -14.80 32.57
N PHE B 74 16.60 -14.58 31.28
CA PHE B 74 17.17 -15.41 30.22
C PHE B 74 17.92 -14.53 29.22
N PRO B 75 19.02 -13.90 29.64
CA PRO B 75 19.70 -12.95 28.75
C PRO B 75 20.32 -13.59 27.52
N ASP B 76 20.62 -14.89 27.55
CA ASP B 76 21.28 -15.55 26.43
C ASP B 76 20.30 -16.14 25.42
N GLU B 77 19.15 -15.51 25.28
CA GLU B 77 18.18 -15.84 24.25
C GLU B 77 18.00 -14.61 23.39
N LEU B 78 17.50 -14.78 22.17
CA LEU B 78 17.31 -13.61 21.30
C LEU B 78 15.90 -13.07 21.54
N ILE B 79 15.76 -12.29 22.61
CA ILE B 79 14.46 -11.79 23.04
C ILE B 79 14.39 -10.32 22.62
N GLY B 80 13.39 -9.98 21.80
CA GLY B 80 13.22 -8.62 21.33
C GLY B 80 11.78 -8.19 21.47
N ALA B 81 11.51 -6.98 20.97
CA ALA B 81 10.18 -6.41 21.05
C ALA B 81 9.57 -6.30 19.65
N GLY B 82 8.25 -6.43 19.59
CA GLY B 82 7.50 -6.18 18.38
C GLY B 82 6.46 -5.09 18.61
N THR B 83 5.75 -4.74 17.52
CA THR B 83 4.78 -3.64 17.56
C THR B 83 5.45 -2.34 18.02
N VAL B 84 6.72 -2.18 17.65
CA VAL B 84 7.43 -0.94 17.93
C VAL B 84 7.01 0.05 16.86
N ILE B 85 6.18 1.01 17.23
CA ILE B 85 5.60 1.95 16.28
C ILE B 85 6.40 3.26 16.22
N THR B 86 6.83 3.78 17.36
CA THR B 86 7.38 5.12 17.43
C THR B 86 8.85 5.09 17.85
N PRO B 87 9.62 6.12 17.51
CA PRO B 87 10.97 6.23 18.08
C PRO B 87 11.00 6.16 19.60
N GLY B 88 9.99 6.73 20.27
CA GLY B 88 9.97 6.68 21.72
C GLY B 88 9.86 5.25 22.24
N GLN B 89 9.02 4.44 21.60
CA GLN B 89 8.94 3.03 21.97
C GLN B 89 10.25 2.31 21.66
N PHE B 90 10.86 2.65 20.52
CA PHE B 90 12.13 2.03 20.18
C PHE B 90 13.18 2.32 21.24
N HIS B 91 13.27 3.59 21.67
CA HIS B 91 14.23 3.85 22.74
CA HIS B 91 14.18 3.93 22.78
C HIS B 91 13.81 3.17 24.04
N ASP B 92 12.51 3.04 24.32
CA ASP B 92 12.07 2.33 25.50
C ASP B 92 12.52 0.87 25.48
N VAL B 93 12.41 0.21 24.31
CA VAL B 93 12.74 -1.22 24.32
C VAL B 93 14.24 -1.42 24.32
N VAL B 94 15.00 -0.53 23.67
CA VAL B 94 16.45 -0.55 23.82
C VAL B 94 16.83 -0.43 25.28
N ALA B 95 16.23 0.54 25.99
CA ALA B 95 16.53 0.72 27.41
C ALA B 95 16.13 -0.49 28.24
N ALA B 96 15.07 -1.21 27.84
CA ALA B 96 14.63 -2.42 28.53
C ALA B 96 15.55 -3.62 28.28
N GLY B 97 16.50 -3.50 27.36
CA GLY B 97 17.40 -4.58 27.04
C GLY B 97 17.03 -5.44 25.85
N ALA B 98 16.05 -5.03 25.04
CA ALA B 98 15.67 -5.82 23.88
C ALA B 98 16.88 -6.05 22.96
N ARG B 99 16.95 -7.24 22.38
CA ARG B 99 18.00 -7.60 21.44
CA ARG B 99 18.03 -7.52 21.46
C ARG B 99 17.71 -7.12 20.03
N PHE B 100 16.44 -6.86 19.70
CA PHE B 100 16.01 -6.39 18.39
C PHE B 100 14.67 -5.72 18.56
N ALA B 101 14.27 -4.94 17.55
CA ALA B 101 12.94 -4.33 17.50
C ALA B 101 12.31 -4.66 16.15
N ILE B 102 11.07 -5.10 16.18
CA ILE B 102 10.29 -5.39 14.98
C ILE B 102 9.11 -4.44 14.95
N SER B 103 8.77 -3.96 13.75
CA SER B 103 7.62 -3.09 13.57
C SER B 103 6.70 -3.67 12.50
N PRO B 104 5.38 -3.45 12.64
CA PRO B 104 4.44 -3.92 11.60
C PRO B 104 4.46 -3.06 10.36
N GLY B 105 5.11 -1.89 10.40
CA GLY B 105 5.24 -1.03 9.24
C GLY B 105 6.47 -0.18 9.39
N GLN B 106 6.47 0.99 8.75
CA GLN B 106 7.61 1.86 8.92
C GLN B 106 7.18 3.31 8.81
N THR B 107 7.94 4.19 9.45
CA THR B 107 7.85 5.62 9.25
C THR B 107 9.25 6.12 9.04
N ARG B 108 9.36 7.32 8.45
CA ARG B 108 10.69 7.90 8.29
C ARG B 108 11.38 8.09 9.63
N GLU B 109 10.65 8.58 10.65
CA GLU B 109 11.24 8.78 11.96
C GLU B 109 11.77 7.48 12.55
N LEU B 110 11.01 6.40 12.39
CA LEU B 110 11.46 5.12 12.91
C LEU B 110 12.70 4.64 12.16
N LEU B 111 12.70 4.78 10.83
CA LEU B 111 13.87 4.39 10.05
C LEU B 111 15.12 5.19 10.44
N ILE B 112 14.97 6.49 10.68
CA ILE B 112 16.09 7.30 11.16
C ILE B 112 16.59 6.77 12.49
N ALA B 113 15.66 6.45 13.41
CA ALA B 113 16.06 6.02 14.74
C ALA B 113 16.85 4.72 14.70
N GLY B 114 16.50 3.81 13.79
CA GLY B 114 17.21 2.55 13.69
C GLY B 114 18.60 2.67 13.07
N GLN B 115 18.90 3.78 12.38
CA GLN B 115 20.23 3.94 11.79
C GLN B 115 21.30 4.09 12.86
N LYS B 116 21.01 4.85 13.91
CA LYS B 116 22.00 5.15 14.94
C LYS B 116 21.86 4.27 16.17
N SER B 117 21.12 3.17 16.07
CA SER B 117 20.82 2.34 17.22
CA SER B 117 20.83 2.35 17.24
C SER B 117 21.86 1.25 17.43
N GLU B 118 21.91 0.74 18.67
CA GLU B 118 22.78 -0.37 19.01
C GLU B 118 22.11 -1.72 18.75
N ILE B 119 20.80 -1.76 18.58
CA ILE B 119 20.14 -3.02 18.27
C ILE B 119 19.42 -2.90 16.93
N PRO B 120 19.30 -4.00 16.19
CA PRO B 120 18.71 -3.92 14.85
C PRO B 120 17.21 -3.63 14.91
N LEU B 121 16.77 -2.79 13.98
CA LEU B 121 15.36 -2.58 13.72
C LEU B 121 14.97 -3.35 12.47
N ILE B 122 13.88 -4.11 12.56
CA ILE B 122 13.30 -4.79 11.40
CA ILE B 122 13.29 -4.81 11.41
C ILE B 122 11.99 -4.10 11.06
N PRO B 123 11.98 -3.19 10.07
CA PRO B 123 10.74 -2.49 9.72
C PRO B 123 9.80 -3.39 8.93
N GLY B 124 8.53 -3.02 8.92
CA GLY B 124 7.52 -3.72 8.13
C GLY B 124 7.22 -2.94 6.86
N VAL B 125 7.03 -3.67 5.76
CA VAL B 125 6.61 -3.06 4.50
C VAL B 125 5.54 -3.92 3.86
N ALA B 126 4.79 -3.30 2.95
CA ALA B 126 3.73 -4.00 2.21
C ALA B 126 3.58 -3.51 0.78
N SER B 127 4.43 -2.63 0.31
CA SER B 127 4.42 -2.24 -1.09
C SER B 127 5.86 -2.07 -1.54
N VAL B 128 6.03 -2.03 -2.86
CA VAL B 128 7.38 -1.86 -3.41
C VAL B 128 7.95 -0.51 -3.02
N SER B 129 7.13 0.55 -3.00
CA SER B 129 7.64 1.87 -2.61
C SER B 129 8.10 1.88 -1.16
N GLU B 130 7.36 1.21 -0.28
CA GLU B 130 7.78 1.12 1.12
C GLU B 130 9.10 0.37 1.23
N LEU B 131 9.21 -0.74 0.49
CA LEU B 131 10.47 -1.46 0.41
CA LEU B 131 10.46 -1.46 0.41
C LEU B 131 11.61 -0.54 -0.06
N MET B 132 11.36 0.24 -1.12
CA MET B 132 12.40 1.11 -1.66
C MET B 132 12.78 2.20 -0.66
N GLU B 133 11.84 2.70 0.12
CA GLU B 133 12.17 3.69 1.15
C GLU B 133 13.10 3.06 2.20
N GLY B 134 12.78 1.85 2.65
CA GLY B 134 13.65 1.16 3.58
C GLY B 134 15.03 0.88 3.01
N LEU B 135 15.08 0.39 1.77
CA LEU B 135 16.36 0.14 1.10
C LEU B 135 17.23 1.40 1.04
N GLY B 136 16.61 2.55 0.74
CA GLY B 136 17.34 3.80 0.65
C GLY B 136 17.94 4.22 1.97
N MET B 137 17.40 3.74 3.08
CA MET B 137 17.90 4.03 4.42
CA MET B 137 17.95 4.06 4.38
C MET B 137 18.86 2.97 4.91
N GLY B 138 19.20 1.98 4.10
CA GLY B 138 20.17 0.96 4.45
C GLY B 138 19.59 -0.33 4.97
N TYR B 139 18.27 -0.50 4.94
CA TYR B 139 17.63 -1.72 5.44
C TYR B 139 17.43 -2.73 4.33
N ASN B 140 17.73 -4.00 4.62
CA ASN B 140 17.43 -5.04 3.62
C ASN B 140 16.82 -6.29 4.27
N HIS B 141 16.33 -6.18 5.51
CA HIS B 141 15.58 -7.24 6.18
C HIS B 141 14.29 -6.62 6.69
N PHE B 142 13.15 -7.18 6.28
CA PHE B 142 11.86 -6.56 6.54
C PHE B 142 10.83 -7.58 6.97
N LYS B 143 9.88 -7.12 7.77
CA LYS B 143 8.64 -7.86 7.95
C LYS B 143 7.71 -7.53 6.79
N PHE B 144 7.03 -8.55 6.27
CA PHE B 144 5.96 -8.35 5.28
C PHE B 144 4.63 -8.54 6.02
N PHE B 145 3.92 -7.44 6.24
CA PHE B 145 2.77 -7.47 7.13
C PHE B 145 1.62 -6.60 6.64
N PRO B 146 0.37 -7.09 6.71
CA PRO B 146 -0.04 -8.45 7.07
C PRO B 146 0.00 -9.32 5.81
N ALA B 147 0.88 -10.32 5.84
CA ALA B 147 1.26 -11.03 4.62
C ALA B 147 0.06 -11.54 3.84
N ALA B 148 -0.82 -12.31 4.49
CA ALA B 148 -1.90 -12.94 3.74
C ALA B 148 -2.89 -11.93 3.18
N ALA B 149 -3.04 -10.77 3.82
CA ALA B 149 -3.98 -9.76 3.33
C ALA B 149 -3.34 -8.73 2.42
N ALA B 150 -2.01 -8.66 2.35
CA ALA B 150 -1.32 -7.65 1.57
C ALA B 150 -0.74 -8.19 0.28
N GLY B 151 -1.23 -9.34 -0.20
CA GLY B 151 -0.80 -9.89 -1.46
C GLY B 151 -0.17 -11.27 -1.35
N GLY B 152 0.20 -11.69 -0.15
CA GLY B 152 0.61 -13.07 0.10
C GLY B 152 1.77 -13.54 -0.75
N ILE B 153 1.74 -14.83 -1.09
CA ILE B 153 2.84 -15.42 -1.86
C ILE B 153 3.00 -14.76 -3.22
N PRO B 154 1.94 -14.46 -3.97
CA PRO B 154 2.15 -13.77 -5.26
C PRO B 154 2.90 -12.45 -5.12
N MET B 155 2.62 -11.68 -4.06
CA MET B 155 3.34 -10.45 -3.82
C MET B 155 4.82 -10.71 -3.58
N LEU B 156 5.15 -11.69 -2.75
CA LEU B 156 6.56 -11.96 -2.45
C LEU B 156 7.29 -12.47 -3.68
N LYS B 157 6.63 -13.26 -4.52
CA LYS B 157 7.26 -13.72 -5.75
C LYS B 157 7.54 -12.54 -6.68
N ALA B 158 6.59 -11.61 -6.79
CA ALA B 158 6.80 -10.46 -7.67
C ALA B 158 7.96 -9.61 -7.18
N ILE B 159 8.07 -9.43 -5.86
CA ILE B 159 9.15 -8.63 -5.30
C ILE B 159 10.49 -9.31 -5.52
N SER B 160 10.53 -10.64 -5.40
CA SER B 160 11.76 -11.39 -5.59
C SER B 160 12.32 -11.22 -7.00
N GLY B 161 11.46 -11.00 -7.99
CA GLY B 161 11.94 -10.82 -9.35
C GLY B 161 12.69 -9.53 -9.57
N VAL B 162 12.42 -8.52 -8.75
CA VAL B 162 13.04 -7.21 -8.87
C VAL B 162 14.05 -6.92 -7.76
N PHE B 163 13.86 -7.51 -6.58
CA PHE B 163 14.75 -7.28 -5.43
C PHE B 163 15.20 -8.61 -4.88
N PRO B 164 16.00 -9.37 -5.65
CA PRO B 164 16.29 -10.75 -5.25
C PRO B 164 17.07 -10.87 -3.95
N GLN B 165 17.78 -9.82 -3.53
CA GLN B 165 18.63 -9.85 -2.35
CA GLN B 165 18.60 -9.93 -2.33
C GLN B 165 17.89 -9.51 -1.06
N VAL B 166 16.71 -8.92 -1.15
CA VAL B 166 15.98 -8.48 0.03
C VAL B 166 15.36 -9.69 0.73
N LYS B 167 15.46 -9.71 2.06
CA LYS B 167 14.97 -10.83 2.87
C LYS B 167 13.77 -10.41 3.69
N PHE B 168 12.77 -11.30 3.76
CA PHE B 168 11.50 -11.02 4.43
C PHE B 168 11.17 -12.05 5.49
N CYS B 169 10.41 -11.58 6.48
CA CYS B 169 9.73 -12.42 7.48
C CYS B 169 8.25 -12.11 7.34
N PRO B 170 7.52 -12.90 6.56
CA PRO B 170 6.07 -12.70 6.43
C PRO B 170 5.37 -13.04 7.73
N THR B 171 4.47 -12.14 8.15
CA THR B 171 3.68 -12.31 9.35
C THR B 171 2.28 -11.79 9.07
N GLY B 172 1.28 -12.42 9.67
CA GLY B 172 -0.09 -11.98 9.49
C GLY B 172 -0.82 -12.98 8.63
N GLY B 173 -1.56 -13.88 9.28
CA GLY B 173 -2.24 -14.91 8.54
C GLY B 173 -1.38 -16.10 8.17
N ILE B 174 -0.19 -16.22 8.76
CA ILE B 174 0.63 -17.41 8.58
C ILE B 174 0.18 -18.43 9.61
N ASN B 175 0.09 -19.70 9.20
CA ASN B 175 -0.42 -20.74 10.10
C ASN B 175 0.18 -22.10 9.70
N SER B 176 -0.28 -23.14 10.38
CA SER B 176 0.27 -24.47 10.12
CA SER B 176 0.22 -24.50 10.13
C SER B 176 0.03 -24.91 8.68
N LYS B 177 -1.09 -24.51 8.07
CA LYS B 177 -1.41 -24.98 6.74
C LYS B 177 -0.58 -24.32 5.63
N ASN B 178 -0.11 -23.09 5.85
CA ASN B 178 0.56 -22.38 4.76
C ASN B 178 2.00 -21.98 5.04
N TYR B 179 2.52 -22.22 6.25
CA TYR B 179 3.80 -21.57 6.56
C TYR B 179 4.94 -22.19 5.75
N GLU B 180 4.87 -23.48 5.44
CA GLU B 180 5.91 -24.09 4.62
C GLU B 180 5.93 -23.51 3.22
N GLU B 181 4.75 -23.18 2.67
CA GLU B 181 4.69 -22.58 1.35
C GLU B 181 5.40 -21.23 1.32
N TYR B 182 5.29 -20.46 2.40
CA TYR B 182 6.02 -19.20 2.51
C TYR B 182 7.51 -19.43 2.69
N LEU B 183 7.88 -20.37 3.58
CA LEU B 183 9.30 -20.57 3.85
C LEU B 183 10.07 -21.03 2.63
N CYS B 184 9.41 -21.70 1.68
CA CYS B 184 10.07 -22.21 0.48
CA CYS B 184 10.15 -22.19 0.53
C CYS B 184 10.47 -21.10 -0.48
N LEU B 185 9.94 -19.89 -0.32
CA LEU B 185 10.27 -18.83 -1.26
C LEU B 185 11.72 -18.37 -1.05
N PRO B 186 12.44 -18.05 -2.13
CA PRO B 186 13.87 -17.72 -1.99
C PRO B 186 14.14 -16.45 -1.20
N ASN B 187 13.19 -15.52 -1.12
CA ASN B 187 13.41 -14.29 -0.37
C ASN B 187 12.76 -14.32 1.01
N VAL B 188 12.30 -15.48 1.47
CA VAL B 188 11.71 -15.62 2.80
C VAL B 188 12.71 -16.34 3.69
N ALA B 189 13.19 -15.63 4.71
CA ALA B 189 14.18 -16.19 5.62
C ALA B 189 13.56 -16.97 6.77
N CYS B 190 12.37 -16.57 7.18
CA CYS B 190 11.62 -17.14 8.29
C CYS B 190 10.23 -16.53 8.20
N VAL B 191 9.32 -17.01 9.04
CA VAL B 191 7.97 -16.46 9.13
C VAL B 191 7.70 -16.15 10.60
N GLY B 192 6.62 -15.41 10.82
CA GLY B 192 6.20 -15.07 12.16
C GLY B 192 4.73 -15.34 12.34
N GLY B 193 4.34 -15.62 13.57
CA GLY B 193 2.94 -15.77 13.82
C GLY B 193 2.66 -16.19 15.25
N SER B 194 1.38 -16.15 15.58
CA SER B 194 0.92 -16.54 16.90
C SER B 194 0.43 -17.97 16.98
N TRP B 195 0.41 -18.73 15.88
CA TRP B 195 -0.24 -20.04 15.93
C TRP B 195 0.51 -21.05 16.77
N ILE B 196 1.80 -20.82 17.04
CA ILE B 196 2.53 -21.69 17.96
C ILE B 196 2.48 -21.19 19.39
N VAL B 197 1.96 -19.98 19.63
CA VAL B 197 1.78 -19.47 20.98
C VAL B 197 0.36 -18.92 21.12
N PRO B 198 -0.66 -19.75 20.94
CA PRO B 198 -2.03 -19.23 20.89
C PRO B 198 -2.47 -18.67 22.23
N GLU B 199 -3.20 -17.55 22.17
CA GLU B 199 -3.57 -16.84 23.39
C GLU B 199 -4.33 -17.75 24.37
N GLU B 200 -5.17 -18.65 23.84
CA GLU B 200 -5.94 -19.52 24.72
C GLU B 200 -5.04 -20.42 25.55
N ALA B 201 -3.97 -20.95 24.97
CA ALA B 201 -3.06 -21.80 25.73
C ALA B 201 -2.23 -20.99 26.72
N ILE B 202 -1.87 -19.75 26.39
CA ILE B 202 -1.15 -18.91 27.35
C ILE B 202 -2.05 -18.58 28.53
N LYS B 203 -3.27 -18.11 28.25
CA LYS B 203 -4.19 -17.73 29.31
C LYS B 203 -4.44 -18.89 30.27
N ASN B 204 -4.50 -20.11 29.74
CA ASN B 204 -4.84 -21.28 30.54
C ASN B 204 -3.62 -22.13 30.91
N HIS B 205 -2.41 -21.59 30.71
CA HIS B 205 -1.18 -22.17 31.27
C HIS B 205 -0.90 -23.56 30.72
N ASN B 206 -1.22 -23.78 29.44
CA ASN B 206 -0.98 -25.07 28.78
C ASN B 206 0.44 -25.10 28.21
N TRP B 207 1.42 -25.07 29.13
CA TRP B 207 2.80 -24.84 28.70
C TRP B 207 3.35 -26.01 27.90
N SER B 208 3.09 -27.26 28.32
CA SER B 208 3.59 -28.40 27.56
CA SER B 208 3.59 -28.40 27.56
C SER B 208 2.95 -28.46 26.17
N LEU B 209 1.69 -28.06 26.04
CA LEU B 209 1.09 -27.97 24.72
C LEU B 209 1.86 -27.00 23.84
N ILE B 210 2.21 -25.83 24.38
CA ILE B 210 2.94 -24.84 23.59
C ILE B 210 4.29 -25.39 23.16
N THR B 211 4.99 -26.11 24.05
CA THR B 211 6.23 -26.77 23.65
C THR B 211 6.00 -27.68 22.45
N GLU B 212 4.90 -28.44 22.48
CA GLU B 212 4.62 -29.37 21.39
C GLU B 212 4.34 -28.63 20.10
N LEU B 213 3.61 -27.50 20.16
CA LEU B 213 3.35 -26.74 18.95
C LEU B 213 4.64 -26.16 18.38
N CYS B 214 5.54 -25.74 19.26
CA CYS B 214 6.82 -25.21 18.80
C CYS B 214 7.69 -26.31 18.20
N MET B 215 7.69 -27.49 18.81
CA MET B 215 8.49 -28.60 18.26
C MET B 215 8.08 -28.94 16.84
N ALA B 216 6.78 -28.82 16.53
CA ALA B 216 6.32 -29.17 15.20
C ALA B 216 6.91 -28.26 14.12
N VAL B 217 7.34 -27.05 14.47
CA VAL B 217 7.87 -26.13 13.47
C VAL B 217 9.37 -25.94 13.59
N SER B 218 10.00 -26.27 14.72
CA SER B 218 11.42 -26.02 14.91
C SER B 218 12.30 -27.21 14.52
N SER B 219 11.73 -28.40 14.36
CA SER B 219 12.53 -29.58 14.09
C SER B 219 12.98 -29.64 12.64
N PHE C 11 -2.24 18.14 18.72
CA PHE C 11 -2.75 17.49 17.51
C PHE C 11 -4.21 17.04 17.67
N SER C 12 -5.00 17.24 16.61
CA SER C 12 -6.35 16.67 16.49
C SER C 12 -7.29 17.18 17.59
N GLU C 13 -7.14 18.45 17.96
CA GLU C 13 -8.01 19.08 18.94
C GLU C 13 -9.17 19.84 18.30
N TRP C 14 -9.61 19.40 17.12
CA TRP C 14 -10.68 20.07 16.39
C TRP C 14 -11.96 20.12 17.23
N LYS C 15 -12.71 21.22 17.07
CA LYS C 15 -14.02 21.31 17.71
C LYS C 15 -14.89 20.13 17.29
N THR C 16 -15.04 19.91 15.99
CA THR C 16 -15.75 18.75 15.47
C THR C 16 -14.75 17.60 15.42
N GLN C 17 -14.97 16.58 16.24
CA GLN C 17 -14.03 15.46 16.25
C GLN C 17 -14.43 14.43 15.19
N PRO C 18 -13.43 13.76 14.59
CA PRO C 18 -13.75 12.75 13.57
C PRO C 18 -14.65 11.65 14.08
N GLY C 19 -14.51 11.25 15.35
CA GLY C 19 -15.37 10.23 15.91
C GLY C 19 -16.83 10.65 15.95
N ALA C 20 -17.09 11.96 16.10
CA ALA C 20 -18.47 12.43 16.04
C ALA C 20 -19.01 12.34 14.62
N VAL C 21 -18.18 12.63 13.62
CA VAL C 21 -18.60 12.47 12.23
C VAL C 21 -18.95 11.01 11.97
N PHE C 22 -18.08 10.10 12.43
CA PHE C 22 -18.31 8.67 12.24
C PHE C 22 -19.57 8.20 12.96
N ALA C 23 -19.91 8.83 14.09
CA ALA C 23 -21.03 8.37 14.92
C ALA C 23 -22.39 8.80 14.38
N ALA C 24 -22.42 9.74 13.44
CA ALA C 24 -23.68 10.33 13.01
C ALA C 24 -24.52 9.37 12.16
N SER C 25 -23.88 8.48 11.41
CA SER C 25 -24.59 7.55 10.55
C SER C 25 -23.77 6.28 10.40
N PRO C 26 -24.41 5.11 10.30
CA PRO C 26 -23.65 3.90 9.95
C PRO C 26 -23.07 3.96 8.57
N VAL C 27 -23.62 4.78 7.69
CA VAL C 27 -23.15 4.90 6.31
C VAL C 27 -23.03 6.38 5.98
N ILE C 28 -21.85 6.80 5.55
CA ILE C 28 -21.63 8.14 5.02
C ILE C 28 -21.83 8.08 3.51
N PRO C 29 -22.78 8.83 2.95
CA PRO C 29 -23.01 8.77 1.50
C PRO C 29 -21.92 9.50 0.74
N VAL C 30 -21.39 8.85 -0.29
CA VAL C 30 -20.37 9.41 -1.16
C VAL C 30 -21.13 10.11 -2.29
N ILE C 31 -21.30 11.43 -2.16
CA ILE C 31 -22.20 12.17 -3.03
C ILE C 31 -21.42 12.71 -4.23
N VAL C 32 -21.89 12.36 -5.42
CA VAL C 32 -21.41 12.92 -6.67
C VAL C 32 -22.54 13.74 -7.26
N ILE C 33 -22.38 15.07 -7.30
CA ILE C 33 -23.41 15.98 -7.82
C ILE C 33 -22.90 16.57 -9.14
N LYS C 34 -23.53 16.16 -10.24
CA LYS C 34 -23.16 16.67 -11.54
C LYS C 34 -23.97 17.90 -11.92
N GLU C 35 -25.21 17.99 -11.47
CA GLU C 35 -26.13 19.07 -11.81
C GLU C 35 -26.48 19.80 -10.53
N LEU C 36 -26.21 21.11 -10.50
CA LEU C 36 -26.43 21.90 -9.28
C LEU C 36 -27.89 21.85 -8.84
N GLU C 37 -28.82 21.76 -9.78
CA GLU C 37 -30.25 21.69 -9.47
C GLU C 37 -30.63 20.45 -8.69
N ASP C 38 -29.80 19.41 -8.71
CA ASP C 38 -30.07 18.20 -7.96
C ASP C 38 -29.69 18.29 -6.50
N ALA C 39 -28.91 19.31 -6.10
CA ALA C 39 -28.32 19.31 -4.76
C ALA C 39 -29.38 19.34 -3.67
N LEU C 40 -30.33 20.27 -3.77
CA LEU C 40 -31.32 20.38 -2.70
C LEU C 40 -32.22 19.16 -2.62
N PRO C 41 -32.84 18.67 -3.69
CA PRO C 41 -33.69 17.48 -3.55
C PRO C 41 -32.92 16.23 -3.17
N LEU C 42 -31.69 16.07 -3.62
CA LEU C 42 -30.87 14.96 -3.11
C LEU C 42 -30.67 15.08 -1.61
N ALA C 43 -30.33 16.28 -1.12
CA ALA C 43 -30.14 16.47 0.30
C ALA C 43 -31.42 16.17 1.07
N GLU C 44 -32.56 16.69 0.60
CA GLU C 44 -33.85 16.39 1.23
C GLU C 44 -34.10 14.89 1.29
N ALA C 45 -33.75 14.16 0.22
CA ALA C 45 -33.97 12.72 0.23
C ALA C 45 -33.11 12.02 1.30
N LEU C 46 -31.87 12.48 1.45
CA LEU C 46 -30.99 11.93 2.48
C LEU C 46 -31.52 12.24 3.88
N PHE C 47 -31.89 13.50 4.13
CA PHE C 47 -32.42 13.87 5.45
C PHE C 47 -33.65 13.03 5.77
N ALA C 48 -34.55 12.87 4.80
CA ALA C 48 -35.77 12.11 5.02
C ALA C 48 -35.48 10.65 5.30
N GLY C 49 -34.37 10.13 4.77
CA GLY C 49 -33.93 8.78 5.03
C GLY C 49 -33.06 8.64 6.25
N GLY C 50 -33.00 9.67 7.10
CA GLY C 50 -32.28 9.57 8.37
C GLY C 50 -30.79 9.81 8.31
N ILE C 51 -30.28 10.38 7.21
CA ILE C 51 -28.84 10.59 7.02
CA ILE C 51 -28.84 10.59 7.08
C ILE C 51 -28.58 12.09 7.15
N HIS C 52 -27.77 12.49 8.13
CA HIS C 52 -27.53 13.89 8.41
C HIS C 52 -26.04 14.22 8.40
N VAL C 53 -25.23 13.35 7.81
CA VAL C 53 -23.84 13.61 7.50
C VAL C 53 -23.68 13.40 6.00
N LEU C 54 -23.24 14.44 5.30
CA LEU C 54 -23.17 14.43 3.84
C LEU C 54 -21.74 14.71 3.42
N GLU C 55 -21.19 13.84 2.57
CA GLU C 55 -19.85 14.01 2.01
C GLU C 55 -20.02 14.42 0.55
N VAL C 56 -19.84 15.71 0.26
CA VAL C 56 -19.91 16.21 -1.12
C VAL C 56 -18.52 16.02 -1.74
N THR C 57 -18.40 15.10 -2.70
CA THR C 57 -17.09 14.81 -3.28
C THR C 57 -16.66 15.88 -4.28
N LEU C 58 -15.37 16.18 -4.27
CA LEU C 58 -14.79 17.14 -5.20
C LEU C 58 -14.43 16.44 -6.51
N ARG C 59 -15.47 15.92 -7.17
CA ARG C 59 -15.27 15.12 -8.38
C ARG C 59 -15.96 15.71 -9.61
N THR C 60 -16.63 16.84 -9.49
CA THR C 60 -17.35 17.46 -10.59
C THR C 60 -17.07 18.96 -10.60
N PRO C 61 -17.24 19.60 -11.75
CA PRO C 61 -17.02 21.05 -11.81
C PRO C 61 -17.89 21.84 -10.85
N VAL C 62 -19.12 21.37 -10.56
CA VAL C 62 -20.02 22.17 -9.74
C VAL C 62 -19.87 21.81 -8.26
N ALA C 63 -18.91 20.95 -7.91
CA ALA C 63 -18.87 20.39 -6.56
C ALA C 63 -18.73 21.46 -5.49
N ILE C 64 -17.78 22.38 -5.66
CA ILE C 64 -17.59 23.44 -4.68
C ILE C 64 -18.84 24.29 -4.55
N LYS C 65 -19.48 24.62 -5.68
CA LYS C 65 -20.71 25.38 -5.63
C LYS C 65 -21.82 24.60 -4.92
N ALA C 66 -21.90 23.29 -5.16
CA ALA C 66 -22.93 22.49 -4.49
C ALA C 66 -22.66 22.40 -2.99
N LEU C 67 -21.39 22.24 -2.62
CA LEU C 67 -21.01 22.25 -1.21
C LEU C 67 -21.44 23.54 -0.53
N GLU C 68 -21.08 24.69 -1.13
CA GLU C 68 -21.44 25.98 -0.56
C GLU C 68 -22.96 26.13 -0.47
N LEU C 69 -23.66 25.73 -1.52
CA LEU C 69 -25.12 25.87 -1.52
C LEU C 69 -25.75 25.04 -0.41
N LEU C 70 -25.31 23.80 -0.26
CA LEU C 70 -25.86 22.93 0.78
C LEU C 70 -25.55 23.47 2.18
N ILE C 71 -24.31 23.91 2.41
CA ILE C 71 -23.96 24.44 3.73
C ILE C 71 -24.77 25.69 4.03
N ASN C 72 -24.91 26.59 3.06
CA ASN C 72 -25.67 27.82 3.30
C ASN C 72 -27.15 27.54 3.47
N THR C 73 -27.68 26.51 2.79
CA THR C 73 -29.11 26.23 2.84
C THR C 73 -29.50 25.47 4.09
N PHE C 74 -28.62 24.59 4.57
CA PHE C 74 -28.90 23.70 5.71
C PHE C 74 -27.77 23.84 6.72
N PRO C 75 -27.69 24.97 7.41
CA PRO C 75 -26.52 25.21 8.29
C PRO C 75 -26.46 24.27 9.48
N ASP C 76 -27.57 23.65 9.88
CA ASP C 76 -27.53 22.78 11.05
C ASP C 76 -27.16 21.33 10.73
N GLU C 77 -26.93 20.99 9.46
CA GLU C 77 -26.59 19.63 9.07
C GLU C 77 -25.08 19.45 9.04
N LEU C 78 -24.62 18.21 9.19
CA LEU C 78 -23.18 17.91 9.20
C LEU C 78 -22.71 17.67 7.76
N ILE C 79 -22.42 18.76 7.06
CA ILE C 79 -22.08 18.71 5.64
C ILE C 79 -20.59 18.98 5.47
N GLY C 80 -19.90 18.04 4.85
CA GLY C 80 -18.48 18.19 4.60
C GLY C 80 -18.11 17.80 3.18
N ALA C 81 -16.82 17.74 2.91
CA ALA C 81 -16.32 17.50 1.56
C ALA C 81 -15.53 16.21 1.53
N GLY C 82 -15.54 15.55 0.38
CA GLY C 82 -14.69 14.41 0.14
C GLY C 82 -13.82 14.60 -1.09
N THR C 83 -12.98 13.60 -1.35
CA THR C 83 -11.98 13.66 -2.43
C THR C 83 -11.13 14.91 -2.29
N VAL C 84 -10.82 15.28 -1.06
CA VAL C 84 -9.93 16.39 -0.79
C VAL C 84 -8.50 15.87 -0.89
N ILE C 85 -7.81 16.22 -1.97
CA ILE C 85 -6.48 15.67 -2.27
C ILE C 85 -5.37 16.60 -1.80
N THR C 86 -5.48 17.90 -2.07
CA THR C 86 -4.38 18.82 -1.83
C THR C 86 -4.67 19.75 -0.67
N PRO C 87 -3.64 20.36 -0.09
CA PRO C 87 -3.88 21.44 0.88
C PRO C 87 -4.70 22.58 0.31
N GLY C 88 -4.51 22.91 -0.97
CA GLY C 88 -5.33 23.93 -1.59
C GLY C 88 -6.82 23.59 -1.59
N GLN C 89 -7.15 22.34 -1.95
CA GLN C 89 -8.54 21.92 -1.91
C GLN C 89 -9.07 21.93 -0.49
N PHE C 90 -8.22 21.51 0.47
CA PHE C 90 -8.63 21.56 1.87
C PHE C 90 -8.96 22.99 2.30
N HIS C 91 -8.08 23.96 1.98
CA HIS C 91 -8.39 25.33 2.31
CA HIS C 91 -8.38 25.35 2.30
C HIS C 91 -9.65 25.81 1.59
N ASP C 92 -9.87 25.35 0.35
CA ASP C 92 -11.07 25.74 -0.37
C ASP C 92 -12.33 25.27 0.35
N VAL C 93 -12.34 24.02 0.84
CA VAL C 93 -13.57 23.50 1.44
C VAL C 93 -13.75 24.07 2.85
N VAL C 94 -12.65 24.41 3.54
CA VAL C 94 -12.77 25.13 4.80
C VAL C 94 -13.42 26.48 4.56
N ALA C 95 -12.92 27.22 3.56
CA ALA C 95 -13.47 28.53 3.27
C ALA C 95 -14.92 28.46 2.83
N ALA C 96 -15.32 27.35 2.21
CA ALA C 96 -16.71 27.15 1.82
C ALA C 96 -17.62 26.80 3.00
N GLY C 97 -17.08 26.57 4.19
CA GLY C 97 -17.87 26.23 5.36
C GLY C 97 -18.03 24.75 5.67
N ALA C 98 -17.21 23.89 5.07
CA ALA C 98 -17.31 22.46 5.32
C ALA C 98 -17.07 22.16 6.79
N ARG C 99 -17.85 21.24 7.36
CA ARG C 99 -17.62 20.91 8.76
CA ARG C 99 -17.64 20.88 8.75
C ARG C 99 -16.57 19.81 8.93
N PHE C 100 -16.15 19.16 7.84
CA PHE C 100 -15.10 18.14 7.87
C PHE C 100 -14.61 17.95 6.44
N ALA C 101 -13.43 17.36 6.32
CA ALA C 101 -12.85 16.99 5.03
C ALA C 101 -12.42 15.53 5.07
N ILE C 102 -12.72 14.79 4.01
CA ILE C 102 -12.31 13.40 3.86
C ILE C 102 -11.41 13.28 2.63
N SER C 103 -10.36 12.48 2.76
CA SER C 103 -9.46 12.23 1.64
C SER C 103 -9.34 10.74 1.36
N PRO C 104 -9.11 10.33 0.10
CA PRO C 104 -8.90 8.91 -0.19
C PRO C 104 -7.52 8.41 0.20
N GLY C 105 -6.60 9.29 0.53
CA GLY C 105 -5.26 8.92 0.92
C GLY C 105 -4.68 10.04 1.76
N GLN C 106 -3.35 10.13 1.78
CA GLN C 106 -2.71 11.17 2.58
CA GLN C 106 -2.71 11.17 2.58
C GLN C 106 -1.32 11.46 2.03
N THR C 107 -0.86 12.69 2.32
CA THR C 107 0.51 13.14 2.12
C THR C 107 0.89 13.90 3.38
N ARG C 108 2.19 14.10 3.59
CA ARG C 108 2.60 14.92 4.74
C ARG C 108 1.96 16.30 4.66
N GLU C 109 1.98 16.94 3.49
CA GLU C 109 1.46 18.29 3.40
C GLU C 109 -0.03 18.34 3.72
N LEU C 110 -0.79 17.32 3.30
CA LEU C 110 -2.20 17.28 3.62
C LEU C 110 -2.42 17.09 5.12
N LEU C 111 -1.66 16.17 5.74
CA LEU C 111 -1.78 15.97 7.18
C LEU C 111 -1.38 17.21 7.96
N ILE C 112 -0.34 17.92 7.51
CA ILE C 112 0.03 19.20 8.11
C ILE C 112 -1.12 20.19 8.02
N ALA C 113 -1.75 20.29 6.85
CA ALA C 113 -2.86 21.23 6.69
C ALA C 113 -4.00 20.93 7.64
N GLY C 114 -4.29 19.63 7.83
CA GLY C 114 -5.38 19.26 8.73
C GLY C 114 -5.10 19.59 10.18
N GLN C 115 -3.83 19.51 10.58
CA GLN C 115 -3.51 19.85 11.97
C GLN C 115 -3.38 21.35 12.21
N LYS C 116 -3.42 22.15 11.16
CA LYS C 116 -3.42 23.60 11.27
C LYS C 116 -4.82 24.18 11.19
N SER C 117 -5.83 23.32 11.06
CA SER C 117 -7.17 23.76 10.71
C SER C 117 -8.13 23.64 11.89
N GLU C 118 -9.15 24.51 11.89
CA GLU C 118 -10.27 24.36 12.79
C GLU C 118 -11.15 23.17 12.44
N ILE C 119 -11.04 22.66 11.22
CA ILE C 119 -11.95 21.65 10.68
C ILE C 119 -11.21 20.31 10.67
N PRO C 120 -11.84 19.22 11.09
CA PRO C 120 -11.15 17.93 11.08
C PRO C 120 -10.93 17.39 9.67
N LEU C 121 -9.79 16.74 9.51
CA LEU C 121 -9.46 15.98 8.31
C LEU C 121 -9.51 14.50 8.66
N ILE C 122 -10.19 13.72 7.80
CA ILE C 122 -10.22 12.27 7.91
C ILE C 122 -9.43 11.74 6.72
N PRO C 123 -8.16 11.42 6.90
CA PRO C 123 -7.34 10.97 5.77
C PRO C 123 -7.55 9.50 5.46
N GLY C 124 -7.16 9.13 4.25
CA GLY C 124 -7.25 7.75 3.82
C GLY C 124 -5.93 7.03 4.01
N VAL C 125 -6.02 5.74 4.38
CA VAL C 125 -4.85 4.88 4.40
C VAL C 125 -5.22 3.52 3.84
N ALA C 126 -4.20 2.80 3.38
CA ALA C 126 -4.40 1.42 2.91
C ALA C 126 -3.34 0.45 3.41
N SER C 127 -2.25 0.90 3.99
CA SER C 127 -1.22 0.02 4.49
C SER C 127 -0.89 0.41 5.93
N VAL C 128 -0.20 -0.49 6.63
CA VAL C 128 0.16 -0.21 8.02
C VAL C 128 1.15 0.96 8.12
N SER C 129 2.07 1.08 7.16
CA SER C 129 3.00 2.21 7.20
C SER C 129 2.27 3.53 7.02
N GLU C 130 1.27 3.57 6.14
CA GLU C 130 0.47 4.78 5.98
C GLU C 130 -0.28 5.12 7.27
N LEU C 131 -0.88 4.11 7.89
CA LEU C 131 -1.50 4.28 9.21
C LEU C 131 -0.53 4.82 10.22
N MET C 132 0.70 4.29 10.24
CA MET C 132 1.69 4.73 11.23
C MET C 132 2.13 6.18 10.99
N GLU C 133 2.26 6.60 9.73
CA GLU C 133 2.55 8.01 9.49
C GLU C 133 1.39 8.88 9.96
N GLY C 134 0.15 8.44 9.71
CA GLY C 134 -0.99 9.19 10.22
C GLY C 134 -0.99 9.30 11.73
N LEU C 135 -0.71 8.19 12.42
CA LEU C 135 -0.66 8.22 13.89
C LEU C 135 0.41 9.17 14.38
N GLY C 136 1.55 9.21 13.69
CA GLY C 136 2.62 10.12 14.08
C GLY C 136 2.23 11.58 14.03
N MET C 137 1.21 11.91 13.23
CA MET C 137 0.67 13.26 13.13
C MET C 137 -0.61 13.42 13.94
N GLY C 138 -0.89 12.47 14.84
CA GLY C 138 -2.00 12.59 15.76
C GLY C 138 -3.34 12.17 15.22
N TYR C 139 -3.38 11.53 14.04
CA TYR C 139 -4.63 11.04 13.47
C TYR C 139 -4.88 9.62 13.95
N ASN C 140 -6.11 9.33 14.36
CA ASN C 140 -6.46 7.96 14.71
C ASN C 140 -7.84 7.59 14.15
N HIS C 141 -8.41 8.41 13.27
CA HIS C 141 -9.63 8.08 12.54
C HIS C 141 -9.33 8.24 11.06
N PHE C 142 -9.59 7.18 10.29
CA PHE C 142 -9.17 7.12 8.90
C PHE C 142 -10.24 6.54 8.01
N LYS C 143 -10.20 6.95 6.74
CA LYS C 143 -10.83 6.21 5.67
C LYS C 143 -9.91 5.06 5.28
N PHE C 144 -10.48 3.87 5.09
CA PHE C 144 -9.75 2.73 4.55
C PHE C 144 -10.20 2.57 3.10
N PHE C 145 -9.31 2.88 2.17
CA PHE C 145 -9.70 3.01 0.79
C PHE C 145 -8.63 2.54 -0.18
N PRO C 146 -9.01 1.80 -1.23
CA PRO C 146 -10.35 1.25 -1.47
C PRO C 146 -10.48 -0.08 -0.74
N ALA C 147 -11.41 -0.13 0.22
CA ALA C 147 -11.44 -1.20 1.22
C ALA C 147 -11.42 -2.58 0.60
N ALA C 148 -12.36 -2.88 -0.31
CA ALA C 148 -12.50 -4.25 -0.80
C ALA C 148 -11.30 -4.68 -1.63
N ALA C 149 -10.65 -3.74 -2.33
CA ALA C 149 -9.51 -4.06 -3.17
C ALA C 149 -8.18 -3.99 -2.44
N ALA C 150 -8.13 -3.37 -1.26
CA ALA C 150 -6.90 -3.18 -0.49
C ALA C 150 -6.79 -4.19 0.66
N GLY C 151 -7.52 -5.30 0.60
CA GLY C 151 -7.41 -6.34 1.59
C GLY C 151 -8.68 -6.58 2.39
N GLY C 152 -9.68 -5.70 2.30
CA GLY C 152 -10.99 -5.96 2.84
C GLY C 152 -11.02 -6.28 4.33
N ILE C 153 -11.94 -7.18 4.67
CA ILE C 153 -12.14 -7.54 6.08
C ILE C 153 -10.90 -8.18 6.68
N PRO C 154 -10.20 -9.12 6.01
CA PRO C 154 -8.97 -9.64 6.61
C PRO C 154 -7.94 -8.58 6.92
N MET C 155 -7.82 -7.56 6.06
CA MET C 155 -6.89 -6.47 6.36
C MET C 155 -7.31 -5.73 7.62
N LEU C 156 -8.59 -5.40 7.73
CA LEU C 156 -9.05 -4.65 8.90
C LEU C 156 -8.89 -5.47 10.17
N LYS C 157 -9.14 -6.78 10.10
CA LYS C 157 -8.97 -7.65 11.26
C LYS C 157 -7.51 -7.72 11.69
N ALA C 158 -6.59 -7.79 10.72
CA ALA C 158 -5.17 -7.80 11.07
C ALA C 158 -4.76 -6.49 11.73
N ILE C 159 -5.28 -5.36 11.24
CA ILE C 159 -4.94 -4.07 11.81
C ILE C 159 -5.50 -3.95 13.23
N SER C 160 -6.71 -4.47 13.48
CA SER C 160 -7.34 -4.32 14.79
CA SER C 160 -7.34 -4.31 14.79
C SER C 160 -6.53 -5.00 15.89
N GLY C 161 -5.88 -6.12 15.57
CA GLY C 161 -5.07 -6.80 16.57
C GLY C 161 -3.82 -6.05 16.96
N VAL C 162 -3.39 -5.11 16.12
CA VAL C 162 -2.16 -4.38 16.36
C VAL C 162 -2.39 -2.91 16.73
N PHE C 163 -3.46 -2.30 16.23
CA PHE C 163 -3.84 -0.92 16.55
C PHE C 163 -5.30 -0.91 16.98
N PRO C 164 -5.61 -1.48 18.14
CA PRO C 164 -7.03 -1.66 18.51
C PRO C 164 -7.77 -0.35 18.68
N GLN C 165 -7.06 0.75 18.95
CA GLN C 165 -7.66 2.05 19.19
CA GLN C 165 -7.72 2.02 19.19
C GLN C 165 -8.07 2.77 17.91
N VAL C 166 -7.42 2.44 16.78
CA VAL C 166 -7.64 3.17 15.54
C VAL C 166 -9.00 2.82 14.96
N LYS C 167 -9.73 3.83 14.48
CA LYS C 167 -11.07 3.65 13.94
C LYS C 167 -11.11 3.97 12.45
N PHE C 168 -11.88 3.17 11.71
CA PHE C 168 -11.93 3.26 10.26
C PHE C 168 -13.34 3.48 9.73
N CYS C 169 -13.38 4.13 8.57
CA CYS C 169 -14.54 4.19 7.69
C CYS C 169 -14.14 3.52 6.37
N PRO C 170 -14.36 2.22 6.25
CA PRO C 170 -14.06 1.55 4.97
C PRO C 170 -14.95 2.09 3.85
N THR C 171 -14.34 2.41 2.72
CA THR C 171 -15.03 2.91 1.55
C THR C 171 -14.36 2.32 0.33
N GLY C 172 -15.15 2.07 -0.72
CA GLY C 172 -14.61 1.49 -1.93
C GLY C 172 -14.98 0.02 -2.02
N GLY C 173 -16.06 -0.27 -2.74
CA GLY C 173 -16.54 -1.63 -2.85
C GLY C 173 -17.42 -2.09 -1.72
N ILE C 174 -17.89 -1.18 -0.87
CA ILE C 174 -18.89 -1.47 0.15
C ILE C 174 -20.26 -1.30 -0.49
N ASN C 175 -21.17 -2.23 -0.20
CA ASN C 175 -22.49 -2.23 -0.84
C ASN C 175 -23.50 -2.84 0.12
N SER C 176 -24.74 -2.94 -0.34
CA SER C 176 -25.80 -3.42 0.53
C SER C 176 -25.55 -4.84 1.03
N LYS C 177 -24.90 -5.67 0.22
CA LYS C 177 -24.73 -7.08 0.57
C LYS C 177 -23.61 -7.31 1.58
N ASN C 178 -22.60 -6.42 1.65
CA ASN C 178 -21.47 -6.67 2.52
C ASN C 178 -21.26 -5.64 3.62
N TYR C 179 -22.04 -4.55 3.66
CA TYR C 179 -21.67 -3.48 4.59
C TYR C 179 -21.82 -3.91 6.05
N GLU C 180 -22.81 -4.75 6.37
CA GLU C 180 -22.96 -5.19 7.75
C GLU C 180 -21.77 -6.03 8.19
N GLU C 181 -21.18 -6.82 7.28
CA GLU C 181 -19.99 -7.58 7.63
CA GLU C 181 -19.99 -7.58 7.61
C GLU C 181 -18.84 -6.66 8.01
N TYR C 182 -18.75 -5.49 7.40
CA TYR C 182 -17.73 -4.52 7.77
C TYR C 182 -18.09 -3.81 9.07
N LEU C 183 -19.36 -3.44 9.24
CA LEU C 183 -19.76 -2.70 10.44
C LEU C 183 -19.57 -3.51 11.70
N CYS C 184 -19.64 -4.84 11.62
CA CYS C 184 -19.49 -5.70 12.80
CA CYS C 184 -19.50 -5.64 12.83
C CYS C 184 -18.07 -5.72 13.34
N LEU C 185 -17.09 -5.26 12.56
CA LEU C 185 -15.70 -5.29 13.03
C LEU C 185 -15.49 -4.29 14.15
N PRO C 186 -14.70 -4.62 15.17
CA PRO C 186 -14.56 -3.72 16.31
C PRO C 186 -13.87 -2.39 15.98
N ASN C 187 -13.07 -2.34 14.93
CA ASN C 187 -12.40 -1.09 14.56
C ASN C 187 -13.10 -0.36 13.42
N VAL C 188 -14.31 -0.74 13.05
CA VAL C 188 -15.05 -0.04 12.02
C VAL C 188 -16.18 0.74 12.68
N ALA C 189 -16.12 2.07 12.57
CA ALA C 189 -17.10 2.95 13.18
C ALA C 189 -18.29 3.23 12.28
N CYS C 190 -18.07 3.17 10.98
CA CYS C 190 -19.09 3.40 9.96
C CYS C 190 -18.46 2.98 8.65
N VAL C 191 -19.26 2.95 7.58
CA VAL C 191 -18.75 2.69 6.24
C VAL C 191 -19.17 3.85 5.33
N GLY C 192 -18.56 3.92 4.16
CA GLY C 192 -18.93 4.91 3.17
C GLY C 192 -19.22 4.24 1.85
N GLY C 193 -20.13 4.84 1.09
CA GLY C 193 -20.39 4.31 -0.23
C GLY C 193 -21.41 5.13 -0.99
N SER C 194 -21.45 4.86 -2.28
CA SER C 194 -22.41 5.49 -3.17
C SER C 194 -23.70 4.70 -3.32
N TRP C 195 -23.81 3.49 -2.77
CA TRP C 195 -24.97 2.65 -3.08
C TRP C 195 -26.27 3.24 -2.52
N ILE C 196 -26.20 4.08 -1.49
CA ILE C 196 -27.40 4.73 -0.97
C ILE C 196 -27.70 6.05 -1.66
N VAL C 197 -26.82 6.52 -2.53
CA VAL C 197 -27.03 7.72 -3.36
C VAL C 197 -26.57 7.43 -4.78
N PRO C 198 -27.12 6.41 -5.43
CA PRO C 198 -26.52 5.94 -6.69
C PRO C 198 -26.76 6.92 -7.82
N GLU C 199 -25.76 7.04 -8.69
CA GLU C 199 -25.83 8.00 -9.78
C GLU C 199 -27.06 7.78 -10.66
N GLU C 200 -27.49 6.52 -10.84
CA GLU C 200 -28.65 6.24 -11.67
C GLU C 200 -29.92 6.85 -11.07
N ALA C 201 -30.06 6.79 -9.73
CA ALA C 201 -31.24 7.37 -9.09
C ALA C 201 -31.19 8.89 -9.12
N ILE C 202 -30.00 9.46 -8.96
CA ILE C 202 -29.86 10.91 -9.04
C ILE C 202 -30.22 11.40 -10.44
N LYS C 203 -29.73 10.70 -11.46
CA LYS C 203 -30.02 11.09 -12.85
C LYS C 203 -31.51 11.02 -13.13
N ASN C 204 -32.21 10.04 -12.57
CA ASN C 204 -33.65 9.90 -12.76
C ASN C 204 -34.47 10.75 -11.80
N HIS C 205 -33.82 11.52 -10.92
CA HIS C 205 -34.51 12.32 -9.91
C HIS C 205 -35.42 11.44 -9.04
N ASN C 206 -34.95 10.23 -8.76
CA ASN C 206 -35.73 9.25 -8.02
C ASN C 206 -35.46 9.42 -6.53
N TRP C 207 -36.01 10.51 -5.98
CA TRP C 207 -35.71 10.86 -4.60
C TRP C 207 -36.36 9.89 -3.62
N SER C 208 -37.51 9.32 -3.98
CA SER C 208 -38.15 8.33 -3.11
CA SER C 208 -38.14 8.33 -3.10
C SER C 208 -37.27 7.10 -2.96
N LEU C 209 -36.63 6.65 -4.05
CA LEU C 209 -35.74 5.50 -3.97
C LEU C 209 -34.53 5.80 -3.08
N ILE C 210 -33.92 6.97 -3.24
CA ILE C 210 -32.79 7.34 -2.40
C ILE C 210 -33.18 7.36 -0.93
N THR C 211 -34.36 7.90 -0.62
CA THR C 211 -34.80 7.91 0.79
C THR C 211 -34.97 6.49 1.30
N GLU C 212 -35.53 5.62 0.46
CA GLU C 212 -35.75 4.23 0.85
C GLU C 212 -34.42 3.51 1.08
N LEU C 213 -33.44 3.74 0.21
CA LEU C 213 -32.11 3.16 0.41
C LEU C 213 -31.47 3.66 1.69
N CYS C 214 -31.61 4.95 1.97
CA CYS C 214 -31.00 5.51 3.18
C CYS C 214 -31.70 4.99 4.43
N MET C 215 -33.04 4.94 4.41
CA MET C 215 -33.78 4.45 5.57
C MET C 215 -33.38 3.03 5.93
N ALA C 216 -33.07 2.22 4.91
CA ALA C 216 -32.69 0.83 5.16
C ALA C 216 -31.40 0.72 5.97
N VAL C 217 -30.49 1.68 5.86
CA VAL C 217 -29.22 1.58 6.58
C VAL C 217 -29.24 2.42 7.85
N SER C 218 -30.02 3.51 7.87
CA SER C 218 -29.99 4.38 9.04
C SER C 218 -30.83 3.86 10.21
N SER C 219 -31.84 3.03 9.94
CA SER C 219 -32.67 2.49 11.02
C SER C 219 -32.33 1.04 11.33
#